data_7ME3
#
_entry.id   7ME3
#
_cell.length_a   67.090
_cell.length_b   75.850
_cell.length_c   106.550
_cell.angle_alpha   90.000
_cell.angle_beta   90.000
_cell.angle_gamma   90.000
#
_symmetry.space_group_name_H-M   'P 21 21 21'
#
loop_
_entity.id
_entity.type
_entity.pdbx_description
1 polymer 'Periplasmic chelated iron-binding protein YfeA'
2 non-polymer 'FE (III) ION'
3 non-polymer 'MANGANESE (II) ION'
4 non-polymer 'ZINC ION'
5 water water
#
_entity_poly.entity_id   1
_entity_poly.type   'polypeptide(L)'
_entity_poly.pdbx_seq_one_letter_code
;MIERLNSPFLRAAALFTIVAFSSLISTAALAENNPSDTAKKFKVVTTFTIIQDIAQNIAGDVAVVESITKPGAEIHDYQP
TPRDIVKAQSADLILWNGMNLERWFEKFFESIKDVPSAVVTAGITPLPIREGPYSGIANPHAWMSPSNALIYIENIRKAL
VEHDPAHAETYNRNAQAYAEKIKALDAPLRERLSRIPAEQRWLVTSEGAFSYLAKDYGFKEVYLWPINAEQQGIPQQVRH
VIDIIRENKIPVVFSESTISDKPAKQVSKETGAQYGGVLYVDSLSGEKGPVPTYISLINMTVDTIAKGFGQLEHHHHHHH
HHH
;
_entity_poly.pdbx_strand_id   A,B
#
loop_
_chem_comp.id
_chem_comp.type
_chem_comp.name
_chem_comp.formula
FE non-polymer 'FE (III) ION' 'Fe 3'
MN non-polymer 'MANGANESE (II) ION' 'Mn 2'
ZN non-polymer 'ZINC ION' 'Zn 2'
#
# COMPACT_ATOMS: atom_id res chain seq x y z
N THR A 38 -20.28 -42.87 -5.78
CA THR A 38 -20.32 -42.16 -4.51
C THR A 38 -21.66 -41.43 -4.31
N ALA A 39 -22.07 -41.31 -3.04
CA ALA A 39 -23.38 -40.76 -2.68
C ALA A 39 -23.33 -39.23 -2.69
N LYS A 40 -24.34 -38.58 -2.12
CA LYS A 40 -24.48 -37.15 -2.27
C LYS A 40 -23.35 -36.41 -1.55
N LYS A 41 -22.85 -35.36 -2.21
CA LYS A 41 -21.65 -34.68 -1.78
C LYS A 41 -21.82 -34.03 -0.40
N PHE A 42 -20.68 -33.77 0.23
CA PHE A 42 -20.61 -32.94 1.43
C PHE A 42 -21.20 -31.57 1.12
N LYS A 43 -22.13 -31.10 1.95
CA LYS A 43 -22.80 -29.83 1.69
C LYS A 43 -22.36 -28.78 2.69
N VAL A 44 -21.95 -27.64 2.18
CA VAL A 44 -21.46 -26.54 2.98
C VAL A 44 -22.38 -25.36 2.71
N VAL A 45 -22.71 -24.62 3.75
CA VAL A 45 -23.55 -23.44 3.60
C VAL A 45 -22.77 -22.27 4.17
N THR A 46 -22.76 -21.16 3.45
CA THR A 46 -22.10 -19.95 3.92
C THR A 46 -23.15 -18.88 4.15
N THR A 47 -22.79 -17.85 4.93
CA THR A 47 -23.72 -16.74 5.16
C THR A 47 -23.82 -15.79 3.99
N PHE A 48 -22.75 -15.57 3.21
CA PHE A 48 -22.85 -14.66 2.07
C PHE A 48 -21.92 -15.14 0.96
N THR A 49 -21.99 -14.45 -0.18
CA THR A 49 -21.49 -14.98 -1.46
C THR A 49 -19.97 -14.95 -1.57
N ILE A 50 -19.29 -14.00 -0.95
CA ILE A 50 -17.83 -14.01 -1.07
C ILE A 50 -17.25 -15.28 -0.45
N ILE A 51 -17.72 -15.66 0.74
CA ILE A 51 -17.29 -16.92 1.35
C ILE A 51 -17.69 -18.09 0.47
N GLN A 52 -18.85 -18.01 -0.18
CA GLN A 52 -19.29 -19.14 -0.97
C GLN A 52 -18.33 -19.40 -2.12
N ASP A 53 -17.90 -18.33 -2.80
CA ASP A 53 -17.04 -18.52 -3.97
C ASP A 53 -15.65 -18.97 -3.56
N ILE A 54 -15.12 -18.40 -2.49
CA ILE A 54 -13.83 -18.87 -1.99
C ILE A 54 -13.93 -20.34 -1.63
N ALA A 55 -14.96 -20.70 -0.85
CA ALA A 55 -15.11 -22.08 -0.41
C ALA A 55 -15.30 -23.01 -1.60
N GLN A 56 -16.03 -22.57 -2.62
CA GLN A 56 -16.26 -23.43 -3.77
C GLN A 56 -14.98 -23.71 -4.52
N ASN A 57 -14.06 -22.75 -4.54
CA ASN A 57 -12.79 -23.02 -5.20
C ASN A 57 -12.00 -24.04 -4.40
N ILE A 58 -12.04 -23.95 -3.08
CA ILE A 58 -11.35 -24.95 -2.28
C ILE A 58 -12.04 -26.31 -2.41
N ALA A 59 -13.38 -26.32 -2.44
CA ALA A 59 -14.10 -27.58 -2.52
C ALA A 59 -13.95 -28.26 -3.87
N GLY A 60 -13.84 -27.48 -4.95
CA GLY A 60 -13.80 -28.10 -6.27
C GLY A 60 -15.05 -28.92 -6.49
N ASP A 61 -14.89 -30.15 -6.98
CA ASP A 61 -16.02 -30.99 -7.35
C ASP A 61 -16.52 -31.91 -6.22
N VAL A 62 -15.83 -31.97 -5.07
CA VAL A 62 -16.19 -32.97 -4.07
C VAL A 62 -17.19 -32.47 -3.04
N ALA A 63 -17.49 -31.17 -3.01
CA ALA A 63 -18.50 -30.63 -2.11
C ALA A 63 -19.31 -29.57 -2.84
N VAL A 64 -20.53 -29.35 -2.39
CA VAL A 64 -21.37 -28.29 -2.92
C VAL A 64 -21.48 -27.19 -1.87
N VAL A 65 -21.20 -25.96 -2.27
CA VAL A 65 -21.21 -24.81 -1.38
C VAL A 65 -22.32 -23.86 -1.82
N GLU A 66 -23.25 -23.58 -0.91
CA GLU A 66 -24.35 -22.68 -1.21
C GLU A 66 -24.35 -21.53 -0.22
N SER A 67 -24.86 -20.39 -0.66
CA SER A 67 -24.87 -19.17 0.13
C SER A 67 -26.28 -18.91 0.62
N ILE A 68 -26.39 -18.49 1.88
CA ILE A 68 -27.70 -18.12 2.42
C ILE A 68 -28.22 -16.86 1.75
N THR A 69 -27.42 -15.78 1.73
CA THR A 69 -27.89 -14.59 1.04
C THR A 69 -27.58 -14.71 -0.45
N LYS A 70 -28.46 -14.13 -1.25
CA LYS A 70 -28.27 -14.23 -2.68
C LYS A 70 -27.52 -13.01 -3.20
N PRO A 71 -26.93 -13.11 -4.39
CA PRO A 71 -26.24 -11.94 -4.98
C PRO A 71 -27.13 -10.70 -4.97
N GLY A 72 -26.56 -9.58 -4.52
CA GLY A 72 -27.25 -8.32 -4.50
C GLY A 72 -27.91 -7.96 -3.19
N ALA A 73 -28.17 -8.94 -2.31
CA ALA A 73 -28.86 -8.67 -1.04
C ALA A 73 -27.92 -8.04 -0.01
N GLU A 74 -28.46 -7.09 0.75
CA GLU A 74 -27.72 -6.48 1.86
C GLU A 74 -27.47 -7.52 2.96
N ILE A 75 -26.21 -7.64 3.41
CA ILE A 75 -25.84 -8.78 4.25
C ILE A 75 -25.69 -8.46 5.74
N HIS A 76 -25.58 -7.18 6.11
CA HIS A 76 -25.38 -6.84 7.51
C HIS A 76 -26.66 -7.06 8.33
N ASP A 77 -27.79 -6.55 7.85
CA ASP A 77 -29.06 -6.65 8.55
C ASP A 77 -30.05 -7.57 7.83
N TYR A 78 -29.53 -8.49 7.02
CA TYR A 78 -30.37 -9.48 6.35
C TYR A 78 -31.32 -10.16 7.32
N GLN A 79 -32.53 -10.42 6.85
CA GLN A 79 -33.57 -11.10 7.63
C GLN A 79 -33.77 -12.50 7.08
N PRO A 80 -33.30 -13.55 7.77
CA PRO A 80 -33.39 -14.91 7.22
C PRO A 80 -34.83 -15.34 7.00
N THR A 81 -35.00 -16.22 6.03
CA THR A 81 -36.32 -16.71 5.61
C THR A 81 -36.44 -18.22 5.88
N PRO A 82 -37.62 -18.82 5.70
CA PRO A 82 -37.71 -20.27 5.89
C PRO A 82 -36.75 -21.05 5.01
N ARG A 83 -36.59 -20.64 3.74
CA ARG A 83 -35.61 -21.27 2.89
C ARG A 83 -34.23 -21.31 3.54
N ASP A 84 -33.82 -20.20 4.16
CA ASP A 84 -32.48 -20.15 4.74
C ASP A 84 -32.31 -21.14 5.87
N ILE A 85 -33.35 -21.31 6.69
CA ILE A 85 -33.24 -22.25 7.80
C ILE A 85 -33.12 -23.67 7.28
N VAL A 86 -34.00 -24.06 6.34
CA VAL A 86 -33.96 -25.41 5.77
C VAL A 86 -32.60 -25.66 5.12
N LYS A 87 -32.09 -24.68 4.37
CA LYS A 87 -30.81 -24.88 3.71
C LYS A 87 -29.69 -25.08 4.74
N ALA A 88 -29.68 -24.28 5.81
CA ALA A 88 -28.63 -24.42 6.83
C ALA A 88 -28.78 -25.72 7.62
N GLN A 89 -30.02 -26.10 7.94
CA GLN A 89 -30.27 -27.34 8.68
C GLN A 89 -29.84 -28.56 7.87
N SER A 90 -29.75 -28.43 6.55
CA SER A 90 -29.44 -29.54 5.66
C SER A 90 -27.95 -29.67 5.37
N ALA A 91 -27.14 -28.71 5.79
CA ALA A 91 -25.71 -28.70 5.59
C ALA A 91 -24.99 -29.60 6.58
N ASP A 92 -23.76 -29.94 6.22
CA ASP A 92 -22.84 -30.59 7.14
C ASP A 92 -21.85 -29.63 7.77
N LEU A 93 -21.79 -28.39 7.29
CA LEU A 93 -20.90 -27.35 7.80
C LEU A 93 -21.46 -25.99 7.41
N ILE A 94 -21.44 -25.05 8.35
CA ILE A 94 -21.85 -23.67 8.11
C ILE A 94 -20.63 -22.77 8.30
N LEU A 95 -20.35 -21.93 7.32
CA LEU A 95 -19.22 -21.00 7.40
C LEU A 95 -19.75 -19.60 7.53
N TRP A 96 -19.20 -18.84 8.45
CA TRP A 96 -19.60 -17.45 8.56
C TRP A 96 -18.36 -16.60 8.81
N ASN A 97 -18.53 -15.31 8.57
CA ASN A 97 -17.43 -14.36 8.65
C ASN A 97 -17.04 -14.04 10.08
N GLY A 98 -18.00 -13.84 10.98
CA GLY A 98 -17.67 -13.35 12.29
C GLY A 98 -17.43 -11.85 12.24
N MET A 99 -16.68 -11.34 13.24
CA MET A 99 -16.34 -9.92 13.33
C MET A 99 -17.59 -9.05 13.25
N ASN A 100 -18.70 -9.59 13.74
CA ASN A 100 -20.00 -8.92 13.77
C ASN A 100 -20.50 -8.52 12.40
N LEU A 101 -20.01 -9.17 11.33
CA LEU A 101 -20.59 -8.91 10.02
C LEU A 101 -22.08 -9.24 10.02
N GLU A 102 -22.42 -10.50 10.31
CA GLU A 102 -23.78 -10.99 10.18
C GLU A 102 -24.50 -10.76 11.51
N ARG A 103 -25.19 -9.62 11.64
CA ARG A 103 -25.87 -9.31 12.91
C ARG A 103 -27.00 -10.27 13.19
N TRP A 104 -27.50 -10.94 12.16
CA TRP A 104 -28.60 -11.89 12.23
C TRP A 104 -28.15 -13.29 12.57
N PHE A 105 -26.85 -13.57 12.54
CA PHE A 105 -26.44 -14.98 12.56
C PHE A 105 -26.76 -15.65 13.88
N GLU A 106 -26.58 -14.93 14.99
CA GLU A 106 -26.75 -15.57 16.29
C GLU A 106 -28.18 -16.04 16.51
N LYS A 107 -29.16 -15.22 16.20
CA LYS A 107 -30.55 -15.66 16.32
C LYS A 107 -30.86 -16.77 15.33
N PHE A 108 -30.43 -16.60 14.08
CA PHE A 108 -30.54 -17.64 13.06
C PHE A 108 -29.94 -18.96 13.54
N PHE A 109 -28.73 -18.91 14.11
CA PHE A 109 -28.04 -20.14 14.45
C PHE A 109 -28.70 -20.86 15.62
N GLU A 110 -29.42 -20.13 16.50
CA GLU A 110 -30.20 -20.81 17.54
C GLU A 110 -31.25 -21.75 16.97
N SER A 111 -31.63 -21.58 15.72
CA SER A 111 -32.69 -22.37 15.15
C SER A 111 -32.16 -23.57 14.36
N ILE A 112 -30.85 -23.77 14.31
CA ILE A 112 -30.22 -24.89 13.63
C ILE A 112 -29.70 -25.86 14.67
N LYS A 113 -30.05 -27.15 14.54
CA LYS A 113 -29.63 -28.16 15.50
C LYS A 113 -28.60 -29.09 14.87
N ASP A 114 -27.49 -29.30 15.59
CA ASP A 114 -26.44 -30.27 15.23
C ASP A 114 -25.89 -30.04 13.83
N VAL A 115 -25.56 -28.79 13.50
CA VAL A 115 -24.74 -28.50 12.34
C VAL A 115 -23.53 -27.72 12.82
N PRO A 116 -22.31 -28.20 12.58
CA PRO A 116 -21.15 -27.43 13.01
C PRO A 116 -20.98 -26.17 12.19
N SER A 117 -20.61 -25.09 12.88
CA SER A 117 -20.27 -23.83 12.27
C SER A 117 -18.78 -23.55 12.48
N ALA A 118 -18.23 -22.68 11.64
CA ALA A 118 -16.84 -22.28 11.78
C ALA A 118 -16.67 -20.87 11.24
N VAL A 119 -16.00 -20.04 12.02
CA VAL A 119 -15.69 -18.68 11.60
C VAL A 119 -14.46 -18.71 10.71
N VAL A 120 -14.48 -17.94 9.62
CA VAL A 120 -13.43 -18.05 8.63
C VAL A 120 -12.39 -16.95 8.78
N THR A 121 -12.52 -16.11 9.79
CA THR A 121 -11.64 -14.97 10.00
C THR A 121 -10.71 -15.17 11.19
N ALA A 122 -10.62 -16.37 11.74
CA ALA A 122 -9.63 -16.60 12.81
C ALA A 122 -8.24 -16.26 12.29
N GLY A 123 -7.48 -15.51 13.10
CA GLY A 123 -6.18 -15.04 12.66
C GLY A 123 -6.16 -13.73 11.88
N ILE A 124 -7.31 -13.14 11.57
CA ILE A 124 -7.34 -11.81 10.95
C ILE A 124 -7.05 -10.75 12.00
N THR A 125 -6.24 -9.76 11.66
CA THR A 125 -6.00 -8.63 12.54
C THR A 125 -7.09 -7.59 12.30
N PRO A 126 -8.00 -7.38 13.23
CA PRO A 126 -9.15 -6.50 12.95
C PRO A 126 -8.76 -5.03 12.96
N LEU A 127 -9.32 -4.28 12.02
CA LEU A 127 -9.33 -2.83 12.02
C LEU A 127 -10.61 -2.35 12.67
N PRO A 128 -10.56 -1.33 13.53
CA PRO A 128 -11.77 -0.89 14.22
C PRO A 128 -12.58 0.10 13.39
N ILE A 129 -13.88 0.09 13.62
CA ILE A 129 -14.75 1.18 13.21
C ILE A 129 -14.55 2.32 14.19
N ARG A 130 -14.31 3.53 13.68
CA ARG A 130 -13.89 4.63 14.53
C ARG A 130 -15.01 5.63 14.84
N GLU A 131 -16.09 5.66 14.05
CA GLU A 131 -17.18 6.60 14.30
C GLU A 131 -18.51 5.87 14.26
N GLY A 132 -19.53 6.57 14.78
CA GLY A 132 -20.90 6.18 14.65
C GLY A 132 -21.35 5.23 15.75
N PRO A 133 -22.59 4.74 15.63
CA PRO A 133 -23.13 3.83 16.65
C PRO A 133 -22.37 2.53 16.79
N TYR A 134 -21.51 2.16 15.82
CA TYR A 134 -20.73 0.94 15.91
C TYR A 134 -19.24 1.18 16.14
N SER A 135 -18.85 2.38 16.57
CA SER A 135 -17.48 2.64 17.05
C SER A 135 -16.99 1.54 17.99
N GLY A 136 -15.77 1.07 17.74
CA GLY A 136 -15.14 0.10 18.60
C GLY A 136 -15.39 -1.35 18.20
N ILE A 137 -16.48 -1.64 17.50
CA ILE A 137 -16.67 -2.95 16.87
C ILE A 137 -15.73 -3.09 15.67
N ALA A 138 -15.24 -4.30 15.45
CA ALA A 138 -14.34 -4.52 14.32
C ALA A 138 -15.02 -4.20 12.99
N ASN A 139 -14.29 -3.60 12.10
CA ASN A 139 -14.73 -3.52 10.72
C ASN A 139 -14.61 -4.91 10.11
N PRO A 140 -15.72 -5.50 9.63
CA PRO A 140 -15.71 -6.92 9.25
C PRO A 140 -15.30 -7.24 7.82
N HIS A 141 -15.10 -6.24 6.95
CA HIS A 141 -14.84 -6.46 5.52
C HIS A 141 -13.39 -6.85 5.24
N ALA A 142 -12.89 -7.82 5.98
CA ALA A 142 -11.49 -8.18 5.92
C ALA A 142 -11.12 -8.82 4.59
N TRP A 143 -12.09 -9.37 3.86
CA TRP A 143 -11.82 -10.06 2.59
C TRP A 143 -11.42 -9.10 1.47
N MET A 144 -11.53 -7.79 1.67
CA MET A 144 -11.17 -6.89 0.58
C MET A 144 -9.66 -6.78 0.40
N SER A 145 -8.89 -7.32 1.33
CA SER A 145 -7.45 -7.41 1.16
C SER A 145 -7.11 -8.79 0.63
N PRO A 146 -6.52 -8.90 -0.56
CA PRO A 146 -6.10 -10.22 -1.08
C PRO A 146 -5.24 -11.03 -0.12
N SER A 147 -4.33 -10.39 0.60
CA SER A 147 -3.51 -11.15 1.54
C SER A 147 -4.33 -11.66 2.73
N ASN A 148 -5.46 -11.01 3.08
CA ASN A 148 -6.38 -11.58 4.07
C ASN A 148 -7.15 -12.76 3.48
N ALA A 149 -7.43 -12.72 2.17
CA ALA A 149 -8.03 -13.88 1.50
C ALA A 149 -7.20 -15.14 1.72
N LEU A 150 -5.87 -15.01 1.80
CA LEU A 150 -5.06 -16.19 2.13
C LEU A 150 -5.40 -16.72 3.52
N ILE A 151 -5.80 -15.85 4.44
CA ILE A 151 -6.20 -16.33 5.76
C ILE A 151 -7.59 -16.95 5.71
N TYR A 152 -8.54 -16.34 4.99
CA TYR A 152 -9.83 -16.99 4.74
C TYR A 152 -9.65 -18.40 4.16
N ILE A 153 -8.81 -18.52 3.13
CA ILE A 153 -8.59 -19.80 2.46
C ILE A 153 -8.08 -20.83 3.44
N GLU A 154 -7.09 -20.43 4.25
CA GLU A 154 -6.51 -21.32 5.24
C GLU A 154 -7.56 -21.82 6.25
N ASN A 155 -8.37 -20.90 6.76
CA ASN A 155 -9.40 -21.28 7.73
C ASN A 155 -10.50 -22.14 7.09
N ILE A 156 -10.92 -21.82 5.86
CA ILE A 156 -11.91 -22.66 5.19
C ILE A 156 -11.31 -24.04 4.94
N ARG A 157 -10.04 -24.09 4.53
CA ARG A 157 -9.42 -25.38 4.23
C ARG A 157 -9.37 -26.23 5.48
N LYS A 158 -9.01 -25.63 6.62
CA LYS A 158 -8.93 -26.38 7.87
C LYS A 158 -10.31 -26.92 8.26
N ALA A 159 -11.35 -26.09 8.12
CA ALA A 159 -12.70 -26.54 8.48
C ALA A 159 -13.16 -27.69 7.61
N LEU A 160 -12.91 -27.59 6.30
CA LEU A 160 -13.33 -28.64 5.38
C LEU A 160 -12.59 -29.94 5.66
N VAL A 161 -11.28 -29.87 5.89
CA VAL A 161 -10.51 -31.10 6.12
C VAL A 161 -10.95 -31.78 7.40
N GLU A 162 -11.26 -30.99 8.44
CA GLU A 162 -11.71 -31.61 9.69
C GLU A 162 -13.04 -32.32 9.51
N HIS A 163 -14.02 -31.65 8.88
CA HIS A 163 -15.37 -32.19 8.86
C HIS A 163 -15.66 -33.11 7.67
N ASP A 164 -14.78 -33.17 6.67
CA ASP A 164 -14.93 -34.10 5.55
C ASP A 164 -13.57 -34.71 5.23
N PRO A 165 -12.95 -35.40 6.20
CA PRO A 165 -11.55 -35.81 6.01
C PRO A 165 -11.34 -36.78 4.86
N ALA A 166 -12.41 -37.46 4.39
CA ALA A 166 -12.30 -38.32 3.22
C ALA A 166 -11.79 -37.58 1.98
N HIS A 167 -11.94 -36.26 1.90
CA HIS A 167 -11.44 -35.52 0.74
C HIS A 167 -10.35 -34.53 1.13
N ALA A 168 -9.63 -34.80 2.23
CA ALA A 168 -8.66 -33.85 2.73
C ALA A 168 -7.64 -33.44 1.66
N GLU A 169 -7.09 -34.43 0.94
CA GLU A 169 -6.04 -34.12 -0.03
C GLU A 169 -6.57 -33.29 -1.20
N THR A 170 -7.85 -33.44 -1.54
CA THR A 170 -8.43 -32.59 -2.58
C THR A 170 -8.58 -31.15 -2.09
N TYR A 171 -9.00 -30.97 -0.84
CA TYR A 171 -9.09 -29.62 -0.30
C TYR A 171 -7.72 -28.97 -0.22
N ASN A 172 -6.73 -29.70 0.27
CA ASN A 172 -5.40 -29.13 0.47
C ASN A 172 -4.78 -28.72 -0.85
N ARG A 173 -4.96 -29.54 -1.87
CA ARG A 173 -4.43 -29.21 -3.18
C ARG A 173 -5.19 -28.04 -3.81
N ASN A 174 -6.53 -28.01 -3.66
CA ASN A 174 -7.30 -26.89 -4.22
C ASN A 174 -7.04 -25.61 -3.47
N ALA A 175 -6.92 -25.68 -2.14
CA ALA A 175 -6.56 -24.49 -1.36
C ALA A 175 -5.19 -23.95 -1.75
N GLN A 176 -4.19 -24.84 -1.87
CA GLN A 176 -2.87 -24.40 -2.31
C GLN A 176 -2.92 -23.76 -3.70
N ALA A 177 -3.56 -24.44 -4.64
CA ALA A 177 -3.63 -23.91 -6.00
C ALA A 177 -4.34 -22.56 -6.01
N TYR A 178 -5.38 -22.40 -5.22
CA TYR A 178 -6.14 -21.16 -5.25
C TYR A 178 -5.43 -20.04 -4.50
N ALA A 179 -4.66 -20.34 -3.46
CA ALA A 179 -3.79 -19.34 -2.86
C ALA A 179 -2.81 -18.76 -3.88
N GLU A 180 -2.30 -19.60 -4.78
CA GLU A 180 -1.35 -19.09 -5.76
C GLU A 180 -2.03 -18.12 -6.72
N LYS A 181 -3.30 -18.34 -7.05
CA LYS A 181 -4.00 -17.38 -7.88
C LYS A 181 -4.16 -16.05 -7.16
N ILE A 182 -4.47 -16.09 -5.86
CA ILE A 182 -4.68 -14.86 -5.12
C ILE A 182 -3.36 -14.09 -4.98
N LYS A 183 -2.25 -14.80 -4.69
CA LYS A 183 -0.95 -14.14 -4.58
C LYS A 183 -0.51 -13.49 -5.90
N ALA A 184 -0.87 -14.09 -7.03
CA ALA A 184 -0.55 -13.49 -8.33
C ALA A 184 -1.32 -12.21 -8.61
N LEU A 185 -2.32 -11.88 -7.78
CA LEU A 185 -3.04 -10.63 -7.97
C LEU A 185 -2.26 -9.42 -7.49
N ASP A 186 -1.38 -9.59 -6.50
CA ASP A 186 -0.83 -8.43 -5.81
C ASP A 186 -0.07 -7.50 -6.75
N ALA A 187 0.82 -8.05 -7.56
CA ALA A 187 1.66 -7.19 -8.40
C ALA A 187 0.85 -6.43 -9.46
N PRO A 188 -0.09 -7.07 -10.18
CA PRO A 188 -0.88 -6.29 -11.15
C PRO A 188 -1.87 -5.32 -10.51
N LEU A 189 -2.42 -5.64 -9.34
CA LEU A 189 -3.26 -4.66 -8.67
C LEU A 189 -2.46 -3.42 -8.32
N ARG A 190 -1.25 -3.64 -7.83
CA ARG A 190 -0.34 -2.54 -7.50
C ARG A 190 0.00 -1.72 -8.74
N GLU A 191 0.29 -2.39 -9.85
CA GLU A 191 0.59 -1.69 -11.10
C GLU A 191 -0.59 -0.85 -11.55
N ARG A 192 -1.79 -1.41 -11.45
CA ARG A 192 -3.00 -0.74 -11.90
C ARG A 192 -3.16 0.62 -11.19
N LEU A 193 -2.79 0.71 -9.91
CA LEU A 193 -2.91 1.93 -9.11
C LEU A 193 -1.65 2.80 -9.12
N SER A 194 -0.65 2.46 -9.90
CA SER A 194 0.69 2.99 -9.70
C SER A 194 0.87 4.44 -10.17
N ARG A 195 -0.05 5.00 -10.95
CA ARG A 195 0.10 6.38 -11.42
C ARG A 195 -0.79 7.34 -10.65
N ILE A 196 -1.27 6.93 -9.47
CA ILE A 196 -1.94 7.82 -8.54
C ILE A 196 -0.92 8.17 -7.43
N PRO A 197 -0.38 9.38 -7.40
CA PRO A 197 0.64 9.69 -6.40
C PRO A 197 0.09 9.61 -4.99
N ALA A 198 0.98 9.36 -4.02
CA ALA A 198 0.54 8.97 -2.68
C ALA A 198 -0.48 9.94 -2.12
N GLU A 199 -0.30 11.24 -2.36
CA GLU A 199 -1.18 12.20 -1.73
C GLU A 199 -2.55 12.31 -2.41
N GLN A 200 -2.70 11.76 -3.62
CA GLN A 200 -3.98 11.77 -4.29
C GLN A 200 -4.80 10.51 -4.02
N ARG A 201 -4.21 9.49 -3.39
CA ARG A 201 -4.91 8.23 -3.13
C ARG A 201 -5.87 8.45 -1.97
N TRP A 202 -7.04 8.97 -2.30
CA TRP A 202 -8.18 9.02 -1.41
C TRP A 202 -9.25 8.12 -2.00
N LEU A 203 -9.79 7.23 -1.18
CA LEU A 203 -10.86 6.35 -1.59
C LEU A 203 -12.12 6.83 -0.88
N VAL A 204 -13.04 7.44 -1.64
CA VAL A 204 -14.28 8.03 -1.10
C VAL A 204 -15.45 7.15 -1.51
N THR A 205 -16.00 6.40 -0.55
CA THR A 205 -17.05 5.43 -0.82
C THR A 205 -18.25 5.67 0.09
N SER A 206 -19.32 4.90 -0.11
CA SER A 206 -20.51 5.11 0.71
C SER A 206 -20.39 4.40 2.04
N GLU A 207 -20.31 3.07 2.02
CA GLU A 207 -19.95 2.33 3.21
C GLU A 207 -18.44 2.40 3.40
N GLY A 208 -18.01 2.53 4.66
CA GLY A 208 -16.58 2.45 4.93
C GLY A 208 -16.09 1.02 4.87
N ALA A 209 -16.36 0.35 3.76
CA ALA A 209 -16.11 -1.07 3.66
C ALA A 209 -14.75 -1.43 3.06
N PHE A 210 -13.90 -0.45 2.77
CA PHE A 210 -12.67 -0.66 1.98
C PHE A 210 -11.41 -0.44 2.80
N SER A 211 -11.55 -0.41 4.12
CA SER A 211 -10.43 -0.08 4.99
C SER A 211 -9.30 -1.09 4.84
N TYR A 212 -9.63 -2.38 4.65
CA TYR A 212 -8.54 -3.35 4.54
C TYR A 212 -7.86 -3.28 3.18
N LEU A 213 -8.63 -2.99 2.14
CA LEU A 213 -8.02 -2.76 0.82
C LEU A 213 -7.18 -1.48 0.83
N ALA A 214 -7.72 -0.40 1.41
CA ALA A 214 -7.01 0.88 1.40
C ALA A 214 -5.71 0.80 2.21
N LYS A 215 -5.72 0.09 3.33
CA LYS A 215 -4.49 -0.09 4.11
C LYS A 215 -3.40 -0.77 3.29
N ASP A 216 -3.76 -1.84 2.58
CA ASP A 216 -2.77 -2.59 1.79
C ASP A 216 -2.19 -1.76 0.64
N TYR A 217 -2.93 -0.80 0.11
CA TYR A 217 -2.51 -0.12 -1.11
C TYR A 217 -2.31 1.37 -0.90
N GLY A 218 -2.23 1.83 0.34
CA GLY A 218 -1.82 3.19 0.61
C GLY A 218 -2.85 4.26 0.37
N PHE A 219 -4.13 3.92 0.39
CA PHE A 219 -5.19 4.89 0.21
C PHE A 219 -5.65 5.42 1.56
N LYS A 220 -6.03 6.69 1.59
CA LYS A 220 -6.77 7.25 2.70
C LYS A 220 -8.26 7.13 2.42
N GLU A 221 -9.00 6.61 3.39
CA GLU A 221 -10.41 6.30 3.24
C GLU A 221 -11.30 7.43 3.74
N VAL A 222 -12.33 7.73 2.98
CA VAL A 222 -13.42 8.62 3.38
C VAL A 222 -14.71 7.88 3.07
N TYR A 223 -15.67 7.93 3.99
CA TYR A 223 -16.92 7.21 3.80
C TYR A 223 -18.09 8.09 4.22
N LEU A 224 -19.28 7.73 3.74
CA LEU A 224 -20.52 8.39 4.13
C LEU A 224 -21.13 7.78 5.38
N TRP A 225 -20.92 6.49 5.63
CA TRP A 225 -21.27 5.92 6.92
C TRP A 225 -20.25 4.83 7.23
N PRO A 226 -19.86 4.67 8.48
CA PRO A 226 -18.80 3.69 8.80
C PRO A 226 -19.17 2.27 8.40
N ILE A 227 -20.43 1.87 8.59
CA ILE A 227 -20.85 0.51 8.32
C ILE A 227 -22.37 0.53 8.13
N ASN A 228 -22.86 -0.31 7.21
CA ASN A 228 -24.28 -0.46 6.95
C ASN A 228 -25.06 -0.72 8.24
N ALA A 229 -26.12 0.07 8.44
CA ALA A 229 -27.09 -0.07 9.54
C ALA A 229 -28.11 1.05 9.39
N GLU A 230 -29.26 0.88 10.01
CA GLU A 230 -30.14 2.02 10.20
C GLU A 230 -29.50 2.94 11.25
N GLN A 231 -29.28 4.21 10.89
CA GLN A 231 -28.45 5.05 11.74
C GLN A 231 -28.74 6.51 11.49
N GLN A 232 -28.49 7.33 12.51
CA GLN A 232 -28.44 8.78 12.36
C GLN A 232 -27.06 9.22 11.87
N GLY A 233 -27.00 10.45 11.37
CA GLY A 233 -25.73 11.12 11.10
C GLY A 233 -25.27 11.14 9.65
N ILE A 234 -25.96 10.46 8.74
CA ILE A 234 -25.51 10.42 7.34
C ILE A 234 -25.60 11.79 6.66
N PRO A 235 -26.72 12.53 6.76
CA PRO A 235 -26.72 13.88 6.15
C PRO A 235 -25.59 14.78 6.64
N GLN A 236 -25.30 14.75 7.95
CA GLN A 236 -24.14 15.44 8.50
C GLN A 236 -22.86 14.98 7.85
N GLN A 237 -22.67 13.65 7.76
CA GLN A 237 -21.43 13.14 7.19
C GLN A 237 -21.32 13.45 5.71
N VAL A 238 -22.44 13.43 5.00
CA VAL A 238 -22.43 13.86 3.61
C VAL A 238 -21.81 15.26 3.52
N ARG A 239 -22.20 16.16 4.43
CA ARG A 239 -21.64 17.50 4.35
C ARG A 239 -20.18 17.54 4.82
N HIS A 240 -19.79 16.66 5.73
CA HIS A 240 -18.39 16.60 6.11
C HIS A 240 -17.53 16.12 4.93
N VAL A 241 -18.04 15.14 4.18
CA VAL A 241 -17.29 14.59 3.08
C VAL A 241 -17.21 15.56 1.92
N ILE A 242 -18.30 16.32 1.70
CA ILE A 242 -18.28 17.34 0.68
C ILE A 242 -17.12 18.31 0.93
N ASP A 243 -16.87 18.66 2.19
CA ASP A 243 -15.80 19.60 2.52
C ASP A 243 -14.42 18.99 2.29
N ILE A 244 -14.26 17.70 2.59
CA ILE A 244 -12.97 17.04 2.40
C ILE A 244 -12.64 16.91 0.92
N ILE A 245 -13.65 16.66 0.10
CA ILE A 245 -13.39 16.55 -1.33
C ILE A 245 -12.98 17.89 -1.88
N ARG A 246 -13.67 18.95 -1.47
CA ARG A 246 -13.31 20.31 -1.90
C ARG A 246 -11.91 20.70 -1.44
N GLU A 247 -11.56 20.36 -0.20
CA GLU A 247 -10.26 20.81 0.32
C GLU A 247 -9.11 20.07 -0.34
N ASN A 248 -9.28 18.81 -0.72
CA ASN A 248 -8.20 18.03 -1.28
C ASN A 248 -8.34 17.77 -2.78
N LYS A 249 -9.34 18.36 -3.43
CA LYS A 249 -9.55 18.21 -4.87
C LYS A 249 -9.59 16.74 -5.26
N ILE A 250 -10.32 15.95 -4.48
CA ILE A 250 -10.49 14.54 -4.83
C ILE A 250 -11.40 14.45 -6.05
N PRO A 251 -11.00 13.73 -7.11
CA PRO A 251 -11.76 13.78 -8.36
C PRO A 251 -12.92 12.80 -8.49
N VAL A 252 -13.06 11.80 -7.61
CA VAL A 252 -14.02 10.73 -7.84
C VAL A 252 -14.58 10.24 -6.51
N VAL A 253 -15.86 9.81 -6.53
CA VAL A 253 -16.54 9.18 -5.40
C VAL A 253 -17.31 7.97 -5.91
N PHE A 254 -17.55 6.99 -5.04
CA PHE A 254 -18.08 5.68 -5.41
C PHE A 254 -19.22 5.27 -4.49
N SER A 255 -20.05 4.36 -4.97
CA SER A 255 -21.02 3.65 -4.15
C SER A 255 -20.74 2.15 -4.26
N GLU A 256 -21.58 1.35 -3.60
CA GLU A 256 -21.44 -0.09 -3.56
C GLU A 256 -22.71 -0.76 -4.07
N SER A 257 -22.61 -2.07 -4.35
CA SER A 257 -23.65 -2.73 -5.17
C SER A 257 -24.88 -3.19 -4.39
N THR A 258 -24.88 -3.10 -3.06
CA THR A 258 -26.02 -3.57 -2.30
C THR A 258 -26.73 -2.45 -1.58
N ILE A 259 -26.28 -1.20 -1.74
CA ILE A 259 -26.84 -0.06 -1.05
C ILE A 259 -27.16 1.03 -2.07
N SER A 260 -27.84 2.07 -1.61
CA SER A 260 -28.33 3.11 -2.51
C SER A 260 -27.20 4.05 -2.91
N ASP A 261 -27.16 4.39 -4.21
CA ASP A 261 -26.16 5.28 -4.76
C ASP A 261 -26.48 6.77 -4.57
N LYS A 262 -27.62 7.11 -3.94
CA LYS A 262 -28.02 8.52 -3.88
C LYS A 262 -27.09 9.39 -3.05
N PRO A 263 -26.69 9.00 -1.82
CA PRO A 263 -25.75 9.89 -1.10
C PRO A 263 -24.45 10.12 -1.87
N ALA A 264 -23.92 9.10 -2.53
CA ALA A 264 -22.73 9.30 -3.34
C ALA A 264 -23.01 10.23 -4.53
N LYS A 265 -24.19 10.13 -5.14
CA LYS A 265 -24.50 11.03 -6.22
C LYS A 265 -24.72 12.44 -5.74
N GLN A 266 -25.28 12.60 -4.53
CA GLN A 266 -25.37 13.91 -3.93
C GLN A 266 -23.99 14.52 -3.75
N VAL A 267 -23.04 13.72 -3.28
CA VAL A 267 -21.69 14.22 -3.06
C VAL A 267 -21.08 14.69 -4.38
N SER A 268 -21.20 13.86 -5.42
CA SER A 268 -20.72 14.23 -6.74
C SER A 268 -21.39 15.51 -7.24
N LYS A 269 -22.70 15.64 -7.05
CA LYS A 269 -23.38 16.84 -7.55
C LYS A 269 -22.85 18.10 -6.88
N GLU A 270 -22.62 18.05 -5.56
CA GLU A 270 -22.27 19.25 -4.83
C GLU A 270 -20.79 19.59 -4.88
N THR A 271 -19.93 18.64 -5.27
CA THR A 271 -18.49 18.88 -5.24
C THR A 271 -17.87 19.13 -6.60
N GLY A 272 -18.49 18.64 -7.68
CA GLY A 272 -17.82 18.53 -8.94
C GLY A 272 -17.00 17.26 -9.15
N ALA A 273 -16.95 16.37 -8.17
CA ALA A 273 -16.26 15.10 -8.41
C ALA A 273 -17.12 14.19 -9.25
N GLN A 274 -16.47 13.34 -10.04
CA GLN A 274 -17.19 12.35 -10.84
C GLN A 274 -17.76 11.28 -9.94
N TYR A 275 -18.95 10.80 -10.28
CA TYR A 275 -19.46 9.57 -9.70
C TYR A 275 -18.75 8.42 -10.42
N GLY A 276 -17.88 7.74 -9.70
CA GLY A 276 -17.03 6.76 -10.34
C GLY A 276 -17.64 5.41 -10.52
N GLY A 277 -18.87 5.21 -10.06
CA GLY A 277 -19.59 3.99 -10.33
C GLY A 277 -19.67 3.09 -9.10
N VAL A 278 -20.09 1.86 -9.35
CA VAL A 278 -20.45 0.93 -8.29
C VAL A 278 -19.26 0.03 -7.97
N LEU A 279 -18.83 0.03 -6.71
CA LEU A 279 -17.86 -0.94 -6.24
C LEU A 279 -18.59 -2.13 -5.62
N TYR A 280 -17.94 -3.29 -5.69
CA TYR A 280 -18.49 -4.53 -5.14
C TYR A 280 -17.65 -4.89 -3.92
N VAL A 281 -18.30 -5.00 -2.78
CA VAL A 281 -17.61 -5.48 -1.59
C VAL A 281 -18.47 -6.51 -0.87
N ASP A 282 -19.74 -6.18 -0.63
CA ASP A 282 -20.58 -7.04 0.19
C ASP A 282 -21.15 -8.20 -0.59
N SER A 283 -21.16 -8.13 -1.91
CA SER A 283 -21.80 -9.17 -2.69
C SER A 283 -21.08 -9.35 -4.01
N LEU A 284 -20.95 -10.59 -4.44
CA LEU A 284 -20.75 -10.87 -5.85
C LEU A 284 -22.00 -10.51 -6.63
N SER A 285 -21.88 -10.51 -7.96
CA SER A 285 -23.03 -10.51 -8.83
C SER A 285 -23.51 -11.95 -9.03
N GLY A 286 -24.56 -12.13 -9.81
CA GLY A 286 -24.93 -13.46 -10.27
C GLY A 286 -23.90 -14.05 -11.20
N GLU A 287 -24.07 -15.34 -11.49
CA GLU A 287 -23.12 -16.10 -12.30
C GLU A 287 -23.01 -15.58 -13.72
N LYS A 288 -24.00 -14.84 -14.22
CA LYS A 288 -23.95 -14.25 -15.55
C LYS A 288 -23.81 -12.74 -15.52
N GLY A 289 -23.51 -12.16 -14.36
CA GLY A 289 -23.28 -10.74 -14.25
C GLY A 289 -21.81 -10.38 -14.23
N PRO A 290 -21.52 -9.11 -13.94
CA PRO A 290 -20.15 -8.61 -14.13
C PRO A 290 -19.13 -9.07 -13.08
N VAL A 291 -19.56 -9.52 -11.90
CA VAL A 291 -18.64 -9.87 -10.82
C VAL A 291 -18.97 -11.27 -10.28
N PRO A 292 -18.67 -12.33 -11.03
CA PRO A 292 -19.16 -13.67 -10.63
C PRO A 292 -18.31 -14.39 -9.59
N THR A 293 -17.07 -13.95 -9.34
CA THR A 293 -16.12 -14.67 -8.50
C THR A 293 -15.42 -13.69 -7.57
N TYR A 294 -14.76 -14.24 -6.55
CA TYR A 294 -14.05 -13.38 -5.62
C TYR A 294 -12.91 -12.62 -6.32
N ILE A 295 -12.15 -13.30 -7.17
CA ILE A 295 -11.06 -12.65 -7.88
C ILE A 295 -11.59 -11.53 -8.76
N SER A 296 -12.69 -11.78 -9.47
CA SER A 296 -13.28 -10.73 -10.28
C SER A 296 -13.74 -9.54 -9.44
N LEU A 297 -14.15 -9.79 -8.18
CA LEU A 297 -14.55 -8.68 -7.33
C LEU A 297 -13.36 -7.79 -6.99
N ILE A 298 -12.21 -8.40 -6.69
CA ILE A 298 -11.00 -7.63 -6.41
C ILE A 298 -10.55 -6.86 -7.65
N ASN A 299 -10.53 -7.54 -8.82
CA ASN A 299 -10.06 -6.86 -10.02
C ASN A 299 -11.02 -5.75 -10.44
N MET A 300 -12.31 -6.03 -10.44
CA MET A 300 -13.22 -4.99 -10.91
C MET A 300 -13.16 -3.78 -9.99
N THR A 301 -13.13 -4.02 -8.68
CA THR A 301 -13.13 -2.93 -7.73
C THR A 301 -11.88 -2.09 -7.88
N VAL A 302 -10.70 -2.73 -7.97
CA VAL A 302 -9.47 -1.98 -8.16
C VAL A 302 -9.48 -1.26 -9.51
N ASP A 303 -9.93 -1.94 -10.56
CA ASP A 303 -9.98 -1.31 -11.87
C ASP A 303 -10.94 -0.12 -11.90
N THR A 304 -12.13 -0.26 -11.27
CA THR A 304 -13.07 0.87 -11.25
C THR A 304 -12.48 2.05 -10.47
N ILE A 305 -11.75 1.76 -9.39
CA ILE A 305 -11.06 2.81 -8.65
C ILE A 305 -10.01 3.52 -9.53
N ALA A 306 -9.15 2.73 -10.19
CA ALA A 306 -8.12 3.33 -11.06
C ALA A 306 -8.74 4.11 -12.22
N LYS A 307 -9.88 3.65 -12.76
CA LYS A 307 -10.47 4.40 -13.87
C LYS A 307 -11.00 5.75 -13.39
N GLY A 308 -11.41 5.83 -12.12
CA GLY A 308 -11.92 7.08 -11.60
C GLY A 308 -10.86 8.16 -11.47
N PHE A 309 -9.59 7.79 -11.31
CA PHE A 309 -8.50 8.75 -11.22
C PHE A 309 -7.85 9.04 -12.57
N GLY A 310 -8.06 8.18 -13.56
CA GLY A 310 -7.42 8.35 -14.85
C GLY A 310 -7.98 9.54 -15.61
N GLN A 311 -7.12 10.11 -16.47
CA GLN A 311 -7.46 11.28 -17.26
C GLN A 311 -8.03 10.94 -18.63
N LEU A 312 -8.50 9.71 -18.82
CA LEU A 312 -8.93 9.25 -20.15
C LEU A 312 -10.44 9.37 -20.31
N GLU A 313 -10.91 10.63 -20.27
CA GLU A 313 -12.29 10.99 -20.49
C GLU A 313 -12.49 11.63 -21.86
N HIS A 314 -12.95 12.90 -21.89
CA HIS A 314 -13.13 13.62 -23.15
C HIS A 314 -12.01 14.64 -23.32
N HIS A 315 -11.42 14.69 -24.52
CA HIS A 315 -10.17 15.40 -24.75
C HIS A 315 -10.33 16.42 -25.88
N HIS A 316 -9.68 17.58 -25.70
CA HIS A 316 -9.53 18.59 -26.75
C HIS A 316 -8.05 18.86 -27.05
N HIS A 317 -7.83 19.57 -28.16
CA HIS A 317 -6.54 20.18 -28.49
C HIS A 317 -6.54 21.60 -27.91
N HIS A 318 -5.87 21.78 -26.77
CA HIS A 318 -5.85 23.06 -26.06
C HIS A 318 -5.00 24.11 -26.77
N THR B 38 19.64 -25.22 -6.24
CA THR B 38 18.83 -24.08 -5.82
C THR B 38 17.37 -24.49 -5.61
N ALA B 39 17.01 -24.90 -4.39
CA ALA B 39 15.61 -25.25 -4.07
C ALA B 39 14.81 -24.00 -3.70
N LYS B 40 15.11 -23.40 -2.55
CA LYS B 40 14.40 -22.23 -2.03
C LYS B 40 15.46 -21.14 -1.85
N LYS B 41 15.46 -20.16 -2.74
CA LYS B 41 16.52 -19.15 -2.71
C LYS B 41 16.46 -18.32 -1.43
N PHE B 42 17.63 -17.97 -0.92
CA PHE B 42 17.76 -17.08 0.22
C PHE B 42 16.93 -15.82 0.02
N LYS B 43 16.18 -15.43 1.05
CA LYS B 43 15.16 -14.39 0.91
C LYS B 43 15.53 -13.18 1.79
N VAL B 44 15.69 -12.02 1.16
CA VAL B 44 16.02 -10.79 1.86
C VAL B 44 14.83 -9.85 1.74
N VAL B 45 14.47 -9.22 2.85
CA VAL B 45 13.41 -8.22 2.87
C VAL B 45 14.01 -6.89 3.34
N THR B 46 13.75 -5.82 2.60
CA THR B 46 14.21 -4.51 3.00
C THR B 46 13.04 -3.65 3.41
N THR B 47 13.34 -2.56 4.15
CA THR B 47 12.27 -1.66 4.53
C THR B 47 11.74 -0.87 3.35
N PHE B 48 12.59 -0.41 2.42
CA PHE B 48 12.11 0.44 1.33
C PHE B 48 12.89 0.15 0.04
N THR B 49 12.50 0.86 -1.03
CA THR B 49 12.89 0.41 -2.37
C THR B 49 14.33 0.72 -2.74
N ILE B 50 14.94 1.77 -2.19
CA ILE B 50 16.33 2.03 -2.53
C ILE B 50 17.22 0.91 -2.02
N ILE B 51 17.01 0.46 -0.78
CA ILE B 51 17.80 -0.66 -0.28
C ILE B 51 17.54 -1.91 -1.12
N GLN B 52 16.27 -2.15 -1.49
CA GLN B 52 15.92 -3.34 -2.27
C GLN B 52 16.76 -3.42 -3.54
N ASP B 53 16.93 -2.30 -4.25
CA ASP B 53 17.62 -2.32 -5.54
C ASP B 53 19.12 -2.47 -5.38
N ILE B 54 19.71 -1.79 -4.39
CA ILE B 54 21.12 -1.98 -4.14
C ILE B 54 21.40 -3.42 -3.77
N ALA B 55 20.59 -3.98 -2.87
CA ALA B 55 20.80 -5.36 -2.42
C ALA B 55 20.62 -6.33 -3.56
N GLN B 56 19.59 -6.12 -4.40
CA GLN B 56 19.34 -7.04 -5.49
C GLN B 56 20.51 -7.10 -6.46
N ASN B 57 21.24 -5.98 -6.61
CA ASN B 57 22.43 -5.98 -7.44
C ASN B 57 23.55 -6.80 -6.81
N ILE B 58 23.64 -6.82 -5.48
CA ILE B 58 24.64 -7.66 -4.84
C ILE B 58 24.18 -9.12 -4.81
N ALA B 59 22.89 -9.33 -4.55
CA ALA B 59 22.33 -10.68 -4.54
C ALA B 59 22.37 -11.33 -5.91
N GLY B 60 22.11 -10.58 -6.96
CA GLY B 60 22.15 -11.18 -8.28
C GLY B 60 21.10 -12.27 -8.38
N ASP B 61 21.52 -13.46 -8.83
CA ASP B 61 20.62 -14.59 -9.03
C ASP B 61 20.47 -15.50 -7.83
N VAL B 62 21.30 -15.37 -6.79
CA VAL B 62 21.31 -16.39 -5.74
C VAL B 62 20.42 -16.01 -4.57
N ALA B 63 19.81 -14.84 -4.59
CA ALA B 63 18.90 -14.39 -3.55
C ALA B 63 17.82 -13.52 -4.17
N VAL B 64 16.63 -13.58 -3.56
CA VAL B 64 15.51 -12.72 -3.89
C VAL B 64 15.42 -11.61 -2.85
N VAL B 65 15.25 -10.38 -3.29
CA VAL B 65 15.15 -9.23 -2.40
C VAL B 65 13.82 -8.53 -2.65
N GLU B 66 13.04 -8.33 -1.58
CA GLU B 66 11.76 -7.62 -1.68
C GLU B 66 11.69 -6.50 -0.64
N SER B 67 10.88 -5.50 -0.93
CA SER B 67 10.72 -4.31 -0.11
C SER B 67 9.39 -4.38 0.61
N ILE B 68 9.38 -3.98 1.89
CA ILE B 68 8.11 -3.85 2.62
C ILE B 68 7.27 -2.76 1.98
N THR B 69 7.80 -1.55 1.93
CA THR B 69 7.09 -0.45 1.27
C THR B 69 7.23 -0.59 -0.22
N LYS B 70 6.21 -0.15 -0.93
CA LYS B 70 6.14 -0.30 -2.37
C LYS B 70 6.38 1.04 -3.04
N PRO B 71 6.73 1.04 -4.33
CA PRO B 71 7.02 2.30 -5.01
C PRO B 71 5.92 3.33 -4.79
N GLY B 72 6.33 4.56 -4.49
CA GLY B 72 5.38 5.62 -4.25
C GLY B 72 4.97 5.81 -2.80
N ALA B 73 5.11 4.79 -1.95
CA ALA B 73 4.68 4.91 -0.57
C ALA B 73 5.62 5.81 0.22
N GLU B 74 5.04 6.65 1.06
CA GLU B 74 5.81 7.45 2.02
C GLU B 74 6.45 6.53 3.05
N ILE B 75 7.76 6.66 3.28
CA ILE B 75 8.47 5.66 4.07
C ILE B 75 8.77 6.05 5.52
N HIS B 76 8.71 7.34 5.87
CA HIS B 76 9.13 7.76 7.22
C HIS B 76 8.11 7.36 8.26
N ASP B 77 6.82 7.58 7.96
CA ASP B 77 5.73 7.29 8.85
C ASP B 77 4.83 6.21 8.31
N TYR B 78 5.36 5.39 7.39
CA TYR B 78 4.65 4.23 6.91
C TYR B 78 4.02 3.46 8.06
N GLN B 79 2.81 2.97 7.84
CA GLN B 79 2.15 2.17 8.87
C GLN B 79 2.04 0.74 8.38
N PRO B 80 2.83 -0.18 8.90
CA PRO B 80 2.87 -1.53 8.35
C PRO B 80 1.53 -2.20 8.56
N THR B 81 1.25 -3.16 7.68
CA THR B 81 0.06 -3.98 7.66
C THR B 81 0.36 -5.38 8.13
N PRO B 82 -0.67 -6.19 8.41
CA PRO B 82 -0.44 -7.59 8.75
C PRO B 82 0.29 -8.35 7.66
N ARG B 83 0.06 -8.03 6.39
CA ARG B 83 0.78 -8.76 5.35
C ARG B 83 2.25 -8.37 5.31
N ASP B 84 2.60 -7.15 5.75
CA ASP B 84 4.03 -6.82 5.88
C ASP B 84 4.69 -7.66 6.95
N ILE B 85 3.94 -7.98 8.01
CA ILE B 85 4.49 -8.82 9.07
C ILE B 85 4.78 -10.21 8.52
N VAL B 86 3.84 -10.77 7.76
CA VAL B 86 4.05 -12.08 7.14
C VAL B 86 5.20 -12.02 6.15
N LYS B 87 5.30 -10.93 5.38
CA LYS B 87 6.40 -10.79 4.45
C LYS B 87 7.74 -10.89 5.18
N ALA B 88 7.94 -10.03 6.19
CA ALA B 88 9.21 -10.00 6.90
C ALA B 88 9.44 -11.29 7.67
N GLN B 89 8.36 -11.89 8.20
CA GLN B 89 8.50 -13.13 8.94
C GLN B 89 9.02 -14.26 8.07
N SER B 90 8.78 -14.19 6.76
CA SER B 90 9.20 -15.22 5.81
C SER B 90 10.63 -15.03 5.34
N ALA B 91 11.28 -13.93 5.71
CA ALA B 91 12.62 -13.64 5.22
C ALA B 91 13.68 -14.44 5.98
N ASP B 92 14.87 -14.46 5.39
CA ASP B 92 16.06 -14.94 6.08
C ASP B 92 16.93 -13.79 6.57
N LEU B 93 16.57 -12.57 6.21
CA LEU B 93 17.40 -11.41 6.54
C LEU B 93 16.57 -10.16 6.26
N ILE B 94 16.62 -9.20 7.18
CA ILE B 94 15.90 -7.94 7.03
C ILE B 94 16.94 -6.83 7.04
N LEU B 95 16.90 -5.99 6.02
CA LEU B 95 17.79 -4.86 5.90
C LEU B 95 16.99 -3.59 6.12
N TRP B 96 17.52 -2.67 6.94
CA TRP B 96 16.86 -1.39 7.14
C TRP B 96 17.90 -0.30 7.15
N ASN B 97 17.42 0.93 6.97
CA ASN B 97 18.32 2.05 6.78
C ASN B 97 18.95 2.48 8.10
N GLY B 98 18.17 2.49 9.19
CA GLY B 98 18.63 3.07 10.43
C GLY B 98 18.61 4.59 10.36
N MET B 99 19.41 5.21 11.22
CA MET B 99 19.38 6.66 11.40
C MET B 99 17.97 7.17 11.54
N ASN B 100 17.15 6.39 12.25
CA ASN B 100 15.75 6.71 12.49
C ASN B 100 15.00 7.11 11.21
N LEU B 101 15.41 6.61 10.04
CA LEU B 101 14.61 6.81 8.84
C LEU B 101 13.20 6.25 9.01
N GLU B 102 13.11 4.95 9.27
CA GLU B 102 11.84 4.23 9.41
C GLU B 102 11.40 4.34 10.87
N ARG B 103 10.55 5.33 11.17
CA ARG B 103 10.12 5.47 12.56
C ARG B 103 9.27 4.28 13.01
N TRP B 104 8.74 3.52 12.05
CA TRP B 104 7.88 2.37 12.31
C TRP B 104 8.65 1.08 12.55
N PHE B 105 9.95 1.03 12.25
CA PHE B 105 10.59 -0.27 12.12
C PHE B 105 10.80 -0.96 13.47
N GLU B 106 11.17 -0.22 14.51
CA GLU B 106 11.45 -0.91 15.76
C GLU B 106 10.18 -1.51 16.35
N LYS B 107 9.06 -0.78 16.27
CA LYS B 107 7.75 -1.38 16.57
C LYS B 107 7.51 -2.63 15.72
N PHE B 108 7.65 -2.49 14.41
CA PHE B 108 7.31 -3.56 13.48
C PHE B 108 8.14 -4.80 13.78
N PHE B 109 9.42 -4.60 14.10
CA PHE B 109 10.35 -5.71 14.23
C PHE B 109 10.02 -6.63 15.40
N GLU B 110 9.42 -6.16 16.51
CA GLU B 110 9.13 -7.13 17.58
C GLU B 110 8.12 -8.19 17.14
N SER B 111 7.26 -7.89 16.19
CA SER B 111 6.37 -8.93 15.68
C SER B 111 7.09 -9.92 14.79
N ILE B 112 8.41 -9.84 14.68
CA ILE B 112 9.21 -10.74 13.85
C ILE B 112 10.15 -11.51 14.76
N LYS B 113 10.03 -12.84 14.74
CA LYS B 113 10.87 -13.70 15.57
C LYS B 113 11.80 -14.52 14.70
N ASP B 114 13.08 -14.55 15.08
CA ASP B 114 14.08 -15.46 14.51
C ASP B 114 14.50 -15.08 13.09
N VAL B 115 14.43 -13.80 12.75
CA VAL B 115 14.96 -13.30 11.49
C VAL B 115 15.98 -12.20 11.82
N PRO B 116 17.24 -12.35 11.45
CA PRO B 116 18.22 -11.31 11.78
C PRO B 116 17.98 -10.06 10.94
N SER B 117 18.46 -8.93 11.47
CA SER B 117 18.42 -7.65 10.75
C SER B 117 19.81 -7.04 10.70
N ALA B 118 20.01 -6.15 9.73
CA ALA B 118 21.27 -5.42 9.66
C ALA B 118 20.98 -4.00 9.19
N VAL B 119 21.65 -3.03 9.80
CA VAL B 119 21.50 -1.62 9.46
C VAL B 119 22.51 -1.33 8.37
N VAL B 120 22.06 -0.80 7.22
CA VAL B 120 22.96 -0.66 6.07
C VAL B 120 23.74 0.65 6.07
N THR B 121 23.48 1.54 7.03
CA THR B 121 24.24 2.78 7.14
C THR B 121 25.35 2.74 8.20
N ALA B 122 25.62 1.58 8.82
CA ALA B 122 26.70 1.50 9.82
C ALA B 122 27.98 2.14 9.32
N GLY B 123 28.52 3.07 10.11
CA GLY B 123 29.75 3.73 9.73
C GLY B 123 29.60 4.94 8.82
N ILE B 124 28.39 5.28 8.40
CA ILE B 124 28.19 6.53 7.67
C ILE B 124 28.20 7.68 8.66
N THR B 125 28.94 8.73 8.33
CA THR B 125 28.94 9.94 9.14
C THR B 125 27.73 10.76 8.79
N PRO B 126 26.82 10.98 9.73
CA PRO B 126 25.55 11.64 9.40
C PRO B 126 25.70 13.15 9.34
N LEU B 127 25.02 13.77 8.38
CA LEU B 127 24.80 15.21 8.45
C LEU B 127 23.59 15.46 9.35
N PRO B 128 23.67 16.44 10.24
CA PRO B 128 22.53 16.69 11.12
C PRO B 128 21.47 17.52 10.42
N ILE B 129 20.23 17.31 10.84
CA ILE B 129 19.15 18.23 10.51
C ILE B 129 19.39 19.54 11.24
N ARG B 130 19.26 20.67 10.53
CA ARG B 130 19.75 21.95 11.02
C ARG B 130 18.70 22.84 11.69
N GLU B 131 17.40 22.63 11.43
CA GLU B 131 16.38 23.52 11.98
C GLU B 131 15.14 22.72 12.37
N GLY B 132 14.33 23.30 13.26
CA GLY B 132 13.09 22.70 13.67
C GLY B 132 13.20 21.72 14.83
N PRO B 133 12.09 21.08 15.17
CA PRO B 133 12.07 20.15 16.32
C PRO B 133 12.99 18.94 16.16
N TYR B 134 13.49 18.66 14.97
CA TYR B 134 14.39 17.55 14.72
C TYR B 134 15.85 17.98 14.62
N SER B 135 16.18 19.22 14.97
CA SER B 135 17.57 19.66 14.86
C SER B 135 18.48 18.71 15.64
N GLY B 136 19.56 18.33 14.99
CA GLY B 136 20.59 17.55 15.61
C GLY B 136 20.49 16.07 15.35
N ILE B 137 19.29 15.55 15.06
CA ILE B 137 19.20 14.17 14.64
C ILE B 137 19.76 14.02 13.22
N ALA B 138 20.29 12.84 12.93
CA ALA B 138 20.91 12.60 11.64
C ALA B 138 19.91 12.80 10.51
N ASN B 139 20.31 13.49 9.46
CA ASN B 139 19.52 13.46 8.23
C ASN B 139 19.64 12.04 7.66
N PRO B 140 18.56 11.28 7.51
CA PRO B 140 18.69 9.84 7.17
C PRO B 140 18.90 9.55 5.70
N HIS B 141 18.74 10.54 4.82
CA HIS B 141 18.78 10.30 3.37
C HIS B 141 20.20 10.18 2.86
N ALA B 142 20.99 9.32 3.49
CA ALA B 142 22.42 9.25 3.20
C ALA B 142 22.70 8.69 1.81
N TRP B 143 21.75 7.95 1.22
CA TRP B 143 21.92 7.32 -0.09
C TRP B 143 21.95 8.33 -1.24
N MET B 144 21.58 9.58 -1.00
CA MET B 144 21.61 10.57 -2.06
C MET B 144 23.03 11.07 -2.38
N SER B 145 24.02 10.71 -1.56
CA SER B 145 25.42 10.86 -1.98
C SER B 145 25.89 9.56 -2.61
N PRO B 146 26.25 9.53 -3.89
CA PRO B 146 26.70 8.27 -4.49
C PRO B 146 27.91 7.67 -3.79
N SER B 147 28.75 8.49 -3.15
CA SER B 147 29.86 7.95 -2.37
C SER B 147 29.39 7.17 -1.15
N ASN B 148 28.34 7.65 -0.47
CA ASN B 148 27.75 6.87 0.63
C ASN B 148 27.17 5.54 0.17
N ALA B 149 26.76 5.43 -1.10
CA ALA B 149 26.26 4.16 -1.59
C ALA B 149 27.33 3.08 -1.49
N LEU B 150 28.61 3.47 -1.56
CA LEU B 150 29.68 2.49 -1.42
C LEU B 150 29.64 1.83 -0.04
N ILE B 151 29.33 2.62 0.99
CA ILE B 151 29.19 2.06 2.33
C ILE B 151 27.93 1.21 2.44
N TYR B 152 26.81 1.67 1.85
CA TYR B 152 25.62 0.82 1.75
C TYR B 152 25.97 -0.54 1.19
N ILE B 153 26.69 -0.54 0.06
CA ILE B 153 27.08 -1.79 -0.63
C ILE B 153 27.91 -2.67 0.30
N GLU B 154 28.91 -2.08 0.96
CA GLU B 154 29.78 -2.88 1.81
C GLU B 154 29.02 -3.47 3.01
N ASN B 155 28.07 -2.72 3.57
CA ASN B 155 27.29 -3.27 4.69
C ASN B 155 26.33 -4.37 4.25
N ILE B 156 25.70 -4.21 3.08
CA ILE B 156 24.83 -5.28 2.59
C ILE B 156 25.64 -6.51 2.21
N ARG B 157 26.78 -6.31 1.55
CA ARG B 157 27.65 -7.45 1.21
C ARG B 157 28.01 -8.24 2.47
N LYS B 158 28.41 -7.54 3.52
CA LYS B 158 28.79 -8.21 4.76
C LYS B 158 27.63 -9.01 5.36
N ALA B 159 26.43 -8.40 5.40
CA ALA B 159 25.29 -9.10 5.97
C ALA B 159 24.94 -10.33 5.16
N LEU B 160 24.96 -10.23 3.83
CA LEU B 160 24.68 -11.39 3.01
C LEU B 160 25.77 -12.45 3.18
N VAL B 161 27.03 -12.04 3.26
CA VAL B 161 28.08 -13.03 3.40
C VAL B 161 28.04 -13.64 4.80
N GLU B 162 27.59 -12.87 5.80
CA GLU B 162 27.47 -13.43 7.14
C GLU B 162 26.38 -14.49 7.20
N HIS B 163 25.21 -14.22 6.63
CA HIS B 163 24.06 -15.08 6.84
C HIS B 163 23.82 -16.08 5.70
N ASP B 164 24.48 -15.91 4.55
CA ASP B 164 24.38 -16.87 3.45
C ASP B 164 25.77 -17.19 2.89
N PRO B 165 26.68 -17.70 3.74
CA PRO B 165 28.10 -17.78 3.33
C PRO B 165 28.36 -18.67 2.14
N ALA B 166 27.51 -19.66 1.86
CA ALA B 166 27.72 -20.54 0.73
C ALA B 166 27.77 -19.80 -0.61
N HIS B 167 27.22 -18.59 -0.68
CA HIS B 167 27.22 -17.79 -1.89
C HIS B 167 28.19 -16.62 -1.80
N ALA B 168 29.13 -16.67 -0.85
CA ALA B 168 30.04 -15.55 -0.62
C ALA B 168 30.79 -15.15 -1.89
N GLU B 169 31.23 -16.12 -2.70
CA GLU B 169 31.95 -15.77 -3.92
C GLU B 169 31.09 -14.96 -4.87
N THR B 170 29.81 -15.29 -4.97
CA THR B 170 28.93 -14.54 -5.85
C THR B 170 28.64 -13.16 -5.30
N TYR B 171 28.37 -13.07 -3.99
CA TYR B 171 28.07 -11.78 -3.37
C TYR B 171 29.26 -10.84 -3.47
N ASN B 172 30.45 -11.33 -3.11
CA ASN B 172 31.66 -10.50 -3.20
C ASN B 172 31.93 -10.02 -4.63
N ARG B 173 31.76 -10.92 -5.61
CA ARG B 173 31.91 -10.54 -7.02
C ARG B 173 30.91 -9.48 -7.40
N ASN B 174 29.63 -9.70 -7.06
CA ASN B 174 28.60 -8.74 -7.48
C ASN B 174 28.76 -7.41 -6.76
N ALA B 175 29.17 -7.45 -5.49
CA ALA B 175 29.37 -6.20 -4.76
C ALA B 175 30.49 -5.38 -5.39
N GLN B 176 31.59 -6.05 -5.76
CA GLN B 176 32.74 -5.35 -6.35
C GLN B 176 32.36 -4.76 -7.70
N ALA B 177 31.68 -5.53 -8.56
CA ALA B 177 31.23 -5.00 -9.84
C ALA B 177 30.26 -3.82 -9.67
N TYR B 178 29.33 -3.93 -8.72
CA TYR B 178 28.39 -2.83 -8.49
C TYR B 178 29.08 -1.62 -7.88
N ALA B 179 30.02 -1.82 -6.95
CA ALA B 179 30.76 -0.70 -6.41
C ALA B 179 31.51 0.08 -7.49
N GLU B 180 32.00 -0.61 -8.52
CA GLU B 180 32.72 0.05 -9.60
C GLU B 180 31.78 0.89 -10.46
N LYS B 181 30.54 0.44 -10.66
CA LYS B 181 29.56 1.32 -11.30
C LYS B 181 29.34 2.56 -10.47
N ILE B 182 29.09 2.38 -9.17
CA ILE B 182 28.76 3.50 -8.31
C ILE B 182 29.93 4.46 -8.21
N LYS B 183 31.15 3.93 -8.09
CA LYS B 183 32.35 4.76 -8.12
C LYS B 183 32.39 5.64 -9.37
N ALA B 184 32.07 5.05 -10.53
CA ALA B 184 32.16 5.78 -11.80
C ALA B 184 31.01 6.75 -12.02
N LEU B 185 30.00 6.70 -11.18
CA LEU B 185 28.86 7.57 -11.33
C LEU B 185 29.18 9.01 -10.87
N ASP B 186 30.11 9.18 -9.93
CA ASP B 186 30.26 10.48 -9.26
C ASP B 186 30.82 11.56 -10.19
N ALA B 187 31.90 11.26 -10.91
CA ALA B 187 32.53 12.30 -11.73
C ALA B 187 31.66 12.84 -12.88
N PRO B 188 30.93 12.03 -13.67
CA PRO B 188 30.00 12.64 -14.64
C PRO B 188 28.95 13.54 -14.00
N LEU B 189 28.53 13.26 -12.76
CA LEU B 189 27.55 14.11 -12.11
C LEU B 189 28.16 15.45 -11.73
N ARG B 190 29.40 15.45 -11.23
CA ARG B 190 30.11 16.72 -11.03
C ARG B 190 30.16 17.50 -12.33
N GLU B 191 30.52 16.80 -13.42
CA GLU B 191 30.54 17.42 -14.74
C GLU B 191 29.19 18.02 -15.09
N ARG B 192 28.11 17.25 -14.95
CA ARG B 192 26.81 17.78 -15.37
C ARG B 192 26.34 18.96 -14.55
N LEU B 193 26.98 19.24 -13.41
CA LEU B 193 26.59 20.37 -12.57
C LEU B 193 27.70 21.40 -12.38
N SER B 194 28.85 21.23 -13.04
CA SER B 194 30.02 22.09 -12.84
C SER B 194 29.85 23.42 -13.51
N ARG B 195 28.62 23.77 -13.76
CA ARG B 195 28.34 24.74 -14.78
C ARG B 195 27.44 25.87 -14.29
N ILE B 196 26.48 25.55 -13.45
CA ILE B 196 25.78 26.60 -12.72
C ILE B 196 26.82 27.39 -11.94
N PRO B 197 26.86 28.71 -12.03
CA PRO B 197 27.79 29.48 -11.21
C PRO B 197 27.43 29.36 -9.75
N ALA B 198 28.46 29.47 -8.89
CA ALA B 198 28.32 29.13 -7.48
C ALA B 198 27.19 29.90 -6.79
N GLU B 199 26.90 31.12 -7.24
CA GLU B 199 25.86 31.91 -6.61
C GLU B 199 24.44 31.50 -7.02
N GLN B 200 24.29 30.83 -8.15
CA GLN B 200 23.00 30.29 -8.55
C GLN B 200 22.73 28.89 -8.01
N ARG B 201 23.70 28.27 -7.33
CA ARG B 201 23.56 26.87 -6.92
C ARG B 201 22.68 26.76 -5.68
N TRP B 202 21.38 26.99 -5.88
CA TRP B 202 20.35 26.83 -4.87
C TRP B 202 19.43 25.66 -5.23
N LEU B 203 19.15 24.79 -4.27
CA LEU B 203 18.28 23.64 -4.47
C LEU B 203 17.08 23.79 -3.55
N VAL B 204 15.93 24.17 -4.09
CA VAL B 204 14.71 24.40 -3.31
C VAL B 204 13.79 23.19 -3.47
N THR B 205 13.61 22.41 -2.42
CA THR B 205 12.78 21.23 -2.44
C THR B 205 11.77 21.28 -1.31
N SER B 206 10.87 20.30 -1.28
CA SER B 206 9.86 20.29 -0.23
C SER B 206 10.41 19.66 1.06
N GLU B 207 10.75 18.37 1.03
CA GLU B 207 11.52 17.78 2.12
C GLU B 207 13.00 18.15 1.98
N GLY B 208 13.66 18.42 3.10
CA GLY B 208 15.09 18.63 3.09
C GLY B 208 15.87 17.34 2.93
N ALA B 209 15.53 16.55 1.90
CA ALA B 209 16.06 15.19 1.77
C ALA B 209 17.28 15.12 0.85
N PHE B 210 17.86 16.27 0.48
CA PHE B 210 18.94 16.33 -0.49
C PHE B 210 20.22 16.85 0.12
N SER B 211 20.32 16.85 1.45
CA SER B 211 21.47 17.46 2.10
C SER B 211 22.76 16.78 1.68
N TYR B 212 22.75 15.44 1.57
CA TYR B 212 23.98 14.74 1.20
C TYR B 212 24.35 15.01 -0.26
N LEU B 213 23.37 14.95 -1.15
CA LEU B 213 23.60 15.32 -2.54
C LEU B 213 24.06 16.77 -2.68
N ALA B 214 23.45 17.69 -1.93
CA ALA B 214 23.81 19.10 -2.10
C ALA B 214 25.21 19.40 -1.58
N LYS B 215 25.61 18.83 -0.44
CA LYS B 215 26.98 19.04 0.02
C LYS B 215 27.98 18.51 -1.00
N ASP B 216 27.70 17.32 -1.57
CA ASP B 216 28.65 16.70 -2.48
C ASP B 216 28.83 17.49 -3.76
N TYR B 217 27.82 18.26 -4.19
CA TYR B 217 27.89 18.98 -5.46
C TYR B 217 27.80 20.49 -5.28
N GLY B 218 28.03 20.99 -4.07
CA GLY B 218 28.15 22.42 -3.86
C GLY B 218 26.88 23.21 -4.09
N PHE B 219 25.74 22.67 -3.67
CA PHE B 219 24.48 23.39 -3.67
C PHE B 219 24.10 23.83 -2.26
N LYS B 220 23.46 24.98 -2.17
CA LYS B 220 22.83 25.43 -0.95
C LYS B 220 21.37 24.93 -0.97
N GLU B 221 20.97 24.27 0.11
CA GLU B 221 19.66 23.65 0.17
C GLU B 221 18.68 24.59 0.89
N VAL B 222 17.50 24.70 0.32
CA VAL B 222 16.35 25.36 0.92
C VAL B 222 15.23 24.34 0.85
N TYR B 223 14.45 24.23 1.92
CA TYR B 223 13.38 23.24 1.93
C TYR B 223 12.15 23.79 2.62
N LEU B 224 11.00 23.19 2.30
CA LEU B 224 9.77 23.58 2.99
C LEU B 224 9.63 22.90 4.37
N TRP B 225 10.15 21.69 4.53
CA TRP B 225 10.20 21.14 5.87
C TRP B 225 11.43 20.27 5.95
N PRO B 226 12.10 20.24 7.11
CA PRO B 226 13.39 19.54 7.17
C PRO B 226 13.29 18.05 6.97
N ILE B 227 12.17 17.40 7.33
CA ILE B 227 12.06 15.96 7.22
C ILE B 227 10.58 15.58 7.33
N ASN B 228 10.19 14.51 6.64
CA ASN B 228 8.79 14.09 6.65
C ASN B 228 8.38 13.70 8.06
N ALA B 229 7.27 14.27 8.51
CA ALA B 229 6.67 14.00 9.80
C ALA B 229 5.27 14.59 9.75
N GLU B 230 4.40 14.08 10.62
CA GLU B 230 3.12 14.74 10.87
C GLU B 230 3.44 16.04 11.59
N GLN B 231 3.36 17.16 10.86
CA GLN B 231 3.99 18.40 11.30
C GLN B 231 3.07 19.59 11.09
N GLN B 232 3.14 20.53 12.04
CA GLN B 232 2.57 21.86 11.89
C GLN B 232 3.53 22.71 11.03
N GLY B 233 3.27 24.02 10.97
CA GLY B 233 4.15 24.90 10.24
C GLY B 233 3.91 24.83 8.75
N ILE B 234 2.66 25.00 8.34
CA ILE B 234 2.32 25.05 6.92
C ILE B 234 2.79 26.37 6.31
N PRO B 235 2.28 27.56 6.75
CA PRO B 235 2.67 28.79 6.06
C PRO B 235 4.01 29.37 6.50
N GLN B 236 4.40 29.12 7.76
CA GLN B 236 5.53 29.84 8.36
C GLN B 236 6.84 29.57 7.63
N GLN B 237 7.14 28.31 7.33
CA GLN B 237 8.34 28.05 6.54
C GLN B 237 8.13 28.40 5.07
N VAL B 238 6.90 28.20 4.56
CA VAL B 238 6.61 28.67 3.21
C VAL B 238 6.91 30.15 3.08
N ARG B 239 6.63 30.93 4.14
CA ARG B 239 6.92 32.36 4.13
C ARG B 239 8.42 32.58 3.96
N HIS B 240 9.23 31.87 4.75
CA HIS B 240 10.68 32.10 4.76
C HIS B 240 11.34 31.61 3.48
N VAL B 241 10.93 30.44 2.95
CA VAL B 241 11.45 29.99 1.66
C VAL B 241 11.11 30.99 0.59
N ILE B 242 9.91 31.56 0.68
CA ILE B 242 9.47 32.52 -0.31
C ILE B 242 10.39 33.75 -0.29
N ASP B 243 10.81 34.21 0.89
CA ASP B 243 11.74 35.34 0.93
C ASP B 243 13.08 34.97 0.31
N ILE B 244 13.60 33.79 0.66
CA ILE B 244 14.90 33.35 0.15
C ILE B 244 14.86 33.27 -1.37
N ILE B 245 13.78 32.74 -1.91
CA ILE B 245 13.69 32.62 -3.36
C ILE B 245 13.75 33.97 -4.01
N ARG B 246 13.09 34.99 -3.44
CA ARG B 246 13.10 36.20 -4.25
C ARG B 246 14.30 37.08 -3.98
N GLU B 247 14.90 37.02 -2.79
CA GLU B 247 16.16 37.75 -2.59
C GLU B 247 17.28 37.21 -3.48
N ASN B 248 17.24 35.91 -3.81
CA ASN B 248 18.30 35.30 -4.60
C ASN B 248 17.88 34.99 -6.03
N LYS B 249 16.66 35.34 -6.43
CA LYS B 249 16.17 35.07 -7.78
C LYS B 249 16.42 33.62 -8.18
N ILE B 250 16.06 32.72 -7.28
CA ILE B 250 16.12 31.28 -7.58
C ILE B 250 15.04 30.96 -8.59
N PRO B 251 15.35 30.26 -9.69
CA PRO B 251 14.40 30.12 -10.79
C PRO B 251 13.47 28.92 -10.74
N VAL B 252 13.74 27.93 -9.88
CA VAL B 252 13.04 26.66 -9.94
C VAL B 252 12.88 26.12 -8.52
N VAL B 253 11.71 25.51 -8.25
CA VAL B 253 11.45 24.77 -7.01
C VAL B 253 10.92 23.39 -7.38
N PHE B 254 11.16 22.42 -6.50
CA PHE B 254 10.88 21.03 -6.81
C PHE B 254 10.01 20.40 -5.71
N SER B 255 9.31 19.35 -6.07
CA SER B 255 8.64 18.44 -5.14
C SER B 255 9.35 17.09 -5.18
N GLU B 256 8.87 16.17 -4.36
CA GLU B 256 9.37 14.80 -4.37
C GLU B 256 8.21 13.84 -4.49
N SER B 257 8.53 12.60 -4.85
CA SER B 257 7.51 11.69 -5.35
C SER B 257 6.61 11.08 -4.28
N THR B 258 7.01 11.06 -3.01
CA THR B 258 6.11 10.44 -2.04
C THR B 258 5.24 11.43 -1.28
N ILE B 259 5.40 12.73 -1.51
CA ILE B 259 4.73 13.76 -0.72
C ILE B 259 3.96 14.68 -1.66
N SER B 260 3.11 15.53 -1.08
CA SER B 260 2.19 16.36 -1.87
C SER B 260 2.95 17.45 -2.61
N ASP B 261 2.56 17.70 -3.87
CA ASP B 261 3.20 18.77 -4.62
C ASP B 261 2.56 20.13 -4.38
N LYS B 262 1.46 20.20 -3.62
CA LYS B 262 0.76 21.46 -3.44
C LYS B 262 1.59 22.52 -2.73
N PRO B 263 2.32 22.22 -1.64
CA PRO B 263 3.21 23.27 -1.08
C PRO B 263 4.23 23.81 -2.08
N ALA B 264 4.87 22.96 -2.88
CA ALA B 264 5.83 23.47 -3.85
C ALA B 264 5.15 24.31 -4.92
N LYS B 265 3.96 23.91 -5.37
CA LYS B 265 3.24 24.71 -6.34
C LYS B 265 2.75 26.03 -5.75
N GLN B 266 2.45 26.07 -4.46
CA GLN B 266 2.04 27.33 -3.87
C GLN B 266 3.23 28.30 -3.76
N VAL B 267 4.42 27.77 -3.45
CA VAL B 267 5.61 28.60 -3.44
C VAL B 267 5.93 29.10 -4.86
N SER B 268 5.78 28.23 -5.85
CA SER B 268 6.01 28.64 -7.23
C SER B 268 5.05 29.76 -7.64
N LYS B 269 3.78 29.64 -7.29
CA LYS B 269 2.81 30.68 -7.58
C LYS B 269 3.15 31.99 -6.88
N GLU B 270 3.61 31.91 -5.63
CA GLU B 270 3.85 33.13 -4.86
C GLU B 270 5.07 33.88 -5.36
N THR B 271 6.12 33.16 -5.78
CA THR B 271 7.38 33.77 -6.16
C THR B 271 7.54 33.98 -7.64
N GLY B 272 6.72 33.33 -8.48
CA GLY B 272 6.93 33.28 -9.91
C GLY B 272 8.00 32.31 -10.36
N ALA B 273 8.71 31.68 -9.42
CA ALA B 273 9.67 30.65 -9.79
C ALA B 273 8.95 29.49 -10.47
N GLN B 274 9.68 28.77 -11.32
CA GLN B 274 9.06 27.68 -12.05
C GLN B 274 8.90 26.49 -11.14
N TYR B 275 7.87 25.69 -11.39
CA TYR B 275 7.75 24.41 -10.70
C TYR B 275 8.55 23.41 -11.52
N GLY B 276 9.58 22.82 -10.91
CA GLY B 276 10.52 22.00 -11.65
C GLY B 276 10.14 20.56 -11.81
N GLY B 277 9.09 20.12 -11.16
CA GLY B 277 8.67 18.74 -11.25
C GLY B 277 9.09 17.95 -10.02
N VAL B 278 8.98 16.64 -10.18
CA VAL B 278 9.09 15.71 -9.06
C VAL B 278 10.50 15.16 -9.02
N LEU B 279 11.14 15.24 -7.86
CA LEU B 279 12.40 14.54 -7.65
C LEU B 279 12.11 13.22 -6.95
N TYR B 280 12.95 12.23 -7.20
CA TYR B 280 12.85 10.96 -6.51
C TYR B 280 13.97 10.85 -5.50
N VAL B 281 13.59 10.59 -4.25
CA VAL B 281 14.61 10.40 -3.22
C VAL B 281 14.23 9.24 -2.31
N ASP B 282 13.01 9.25 -1.83
CA ASP B 282 12.57 8.25 -0.87
C ASP B 282 12.05 6.97 -1.54
N SER B 283 11.90 6.97 -2.86
CA SER B 283 11.31 5.82 -3.52
C SER B 283 11.74 5.80 -4.98
N LEU B 284 12.03 4.60 -5.45
CA LEU B 284 12.04 4.31 -6.87
C LEU B 284 10.61 4.28 -7.42
N SER B 285 10.52 4.24 -8.74
CA SER B 285 9.26 3.94 -9.39
C SER B 285 9.13 2.42 -9.52
N GLY B 286 7.98 1.97 -10.00
CA GLY B 286 7.88 0.62 -10.49
C GLY B 286 8.91 0.37 -11.58
N GLU B 287 9.13 -0.91 -11.89
CA GLU B 287 10.20 -1.26 -12.81
C GLU B 287 9.88 -0.93 -14.25
N LYS B 288 8.66 -0.46 -14.55
CA LYS B 288 8.32 0.12 -15.84
C LYS B 288 8.25 1.64 -15.80
N GLY B 289 8.51 2.26 -14.65
CA GLY B 289 8.48 3.70 -14.50
C GLY B 289 9.80 4.35 -14.83
N PRO B 290 9.89 5.67 -14.66
CA PRO B 290 11.11 6.40 -15.08
C PRO B 290 12.31 6.20 -14.16
N VAL B 291 12.12 5.66 -12.97
CA VAL B 291 13.22 5.57 -12.01
C VAL B 291 13.28 4.13 -11.49
N PRO B 292 13.69 3.19 -12.34
CA PRO B 292 13.64 1.79 -11.91
C PRO B 292 14.68 1.41 -10.89
N THR B 293 15.80 2.12 -10.80
CA THR B 293 16.96 1.63 -10.05
C THR B 293 17.62 2.77 -9.27
N TYR B 294 18.44 2.41 -8.29
CA TYR B 294 19.14 3.42 -7.52
C TYR B 294 19.97 4.33 -8.43
N ILE B 295 20.74 3.74 -9.34
CA ILE B 295 21.55 4.57 -10.25
C ILE B 295 20.66 5.47 -11.09
N SER B 296 19.58 4.94 -11.63
CA SER B 296 18.71 5.81 -12.41
C SER B 296 18.08 6.88 -11.51
N LEU B 297 17.85 6.58 -10.23
CA LEU B 297 17.34 7.62 -9.34
C LEU B 297 18.30 8.78 -9.21
N ILE B 298 19.59 8.49 -9.02
CA ILE B 298 20.59 9.56 -8.92
C ILE B 298 20.68 10.37 -10.21
N ASN B 299 20.79 9.68 -11.35
CA ASN B 299 20.94 10.38 -12.61
C ASN B 299 19.70 11.21 -12.94
N MET B 300 18.50 10.65 -12.71
CA MET B 300 17.27 11.39 -13.01
C MET B 300 17.18 12.64 -12.14
N THR B 301 17.47 12.49 -10.85
CA THR B 301 17.41 13.62 -9.94
C THR B 301 18.42 14.70 -10.33
N VAL B 302 19.64 14.31 -10.68
CA VAL B 302 20.62 15.31 -11.11
C VAL B 302 20.23 15.89 -12.47
N ASP B 303 19.77 15.04 -13.39
CA ASP B 303 19.29 15.55 -14.67
C ASP B 303 18.18 16.56 -14.48
N THR B 304 17.18 16.23 -13.65
CA THR B 304 16.03 17.11 -13.47
C THR B 304 16.45 18.43 -12.84
N ILE B 305 17.38 18.37 -11.88
CA ILE B 305 17.92 19.59 -11.29
C ILE B 305 18.60 20.43 -12.37
N ALA B 306 19.49 19.79 -13.15
CA ALA B 306 20.25 20.50 -14.18
C ALA B 306 19.33 21.19 -15.18
N LYS B 307 18.25 20.52 -15.58
CA LYS B 307 17.36 21.13 -16.57
C LYS B 307 16.60 22.32 -16.01
N GLY B 308 16.35 22.33 -14.70
CA GLY B 308 15.74 23.51 -14.11
C GLY B 308 16.60 24.75 -14.16
N PHE B 309 17.89 24.61 -14.43
CA PHE B 309 18.86 25.70 -14.44
C PHE B 309 19.38 25.99 -15.84
N GLY B 310 18.49 25.98 -16.83
CA GLY B 310 18.82 26.47 -18.17
C GLY B 310 17.55 26.65 -19.00
FE FE C . -20.64 -4.09 4.33
MN MN D . -20.64 -3.80 4.16
ZN ZN E . -20.69 -3.81 3.97
FE FE F . 12.65 11.14 3.26
MN MN G . 12.57 11.31 3.33
ZN ZN H . 12.35 11.57 2.96
MN MN I . 22.25 -16.17 10.11
ZN ZN J . 22.24 -15.87 10.29
#